data_6E3G
#
_entry.id   6E3G
#
_cell.length_a   61.951
_cell.length_b   61.951
_cell.length_c   155.559
_cell.angle_alpha   90.000
_cell.angle_beta   90.000
_cell.angle_gamma   90.000
#
_symmetry.space_group_name_H-M   'P 41'
#
loop_
_entity.id
_entity.type
_entity.pdbx_description
1 polymer 'Nuclear receptor ROR-gamma'
2 polymer 'co-activator peptide'
3 non-polymer 1,2-ETHANEDIOL
4 non-polymer (5R)-6-acetyl-2-methoxy-N-{4-[(2-methoxyphenyl)methoxy]phenyl}-5,6,7,8-tetrahydro-1,6-naphthyridine-5-carboxamide
5 water water
#
loop_
_entity_poly.entity_id
_entity_poly.type
_entity_poly.pdbx_seq_one_letter_code
_entity_poly.pdbx_strand_id
1 'polypeptide(L)'
;PYASLTEIEHLVQSVCKSYRETCQLRLEDLLRQRSNIFSREEVTGYQRKSMWEMWERCAHHLTEAIQYVVEFAKRLSGFM
ELCQNDQIVLLKAGAMEVVLVRMCRAYNADNRTVFFEGKYGGMELFRALGCSELISSIFDFSHSLSALHFSEDEIALYTA
LVLINAHRPGLQEKRKVEQLQYNLELAFHHHLCKTHRQSILAKLPPKGKLRSLCSQHVERLQIFQHLHPIVVQAAFPPLY
KELFS
;
A,B
2 'polypeptide(L)' KILHRLLQ C,D
#
loop_
_chem_comp.id
_chem_comp.type
_chem_comp.name
_chem_comp.formula
EDO non-polymer 1,2-ETHANEDIOL 'C2 H6 O2'
HOJ non-polymer (5R)-6-acetyl-2-methoxy-N-{4-[(2-methoxyphenyl)methoxy]phenyl}-5,6,7,8-tetrahydro-1,6-naphthyridine-5-carboxamide 'C26 H27 N3 O5'
#
# COMPACT_ATOMS: atom_id res chain seq x y z
N PRO A 1 -4.33 45.90 -2.71
CA PRO A 1 -5.09 45.75 -1.48
C PRO A 1 -6.62 45.91 -1.68
N TYR A 2 -7.39 44.96 -1.16
CA TYR A 2 -8.86 44.96 -1.26
C TYR A 2 -9.46 45.55 0.00
N ALA A 3 -10.19 46.66 -0.14
CA ALA A 3 -10.68 47.45 1.00
C ALA A 3 -12.13 47.14 1.41
N SER A 4 -13.05 47.18 0.45
CA SER A 4 -14.46 46.93 0.71
C SER A 4 -14.81 45.43 0.62
N LEU A 5 -15.94 45.08 1.25
CA LEU A 5 -16.50 43.74 1.15
C LEU A 5 -16.85 43.35 -0.29
N THR A 6 -17.44 44.29 -1.04
CA THR A 6 -17.78 44.07 -2.44
C THR A 6 -16.54 43.67 -3.27
N GLU A 7 -15.42 44.36 -3.06
CA GLU A 7 -14.14 43.99 -3.70
C GLU A 7 -13.72 42.57 -3.35
N ILE A 8 -13.70 42.25 -2.05
CA ILE A 8 -13.35 40.91 -1.55
C ILE A 8 -14.25 39.83 -2.16
N GLU A 9 -15.55 40.09 -2.23
CA GLU A 9 -16.49 39.14 -2.80
C GLU A 9 -16.29 38.99 -4.31
N HIS A 10 -15.86 40.07 -4.97
CA HIS A 10 -15.52 39.98 -6.40
C HIS A 10 -14.34 39.04 -6.61
N LEU A 11 -13.34 39.13 -5.74
CA LEU A 11 -12.23 38.20 -5.77
C LEU A 11 -12.69 36.75 -5.60
N VAL A 12 -13.53 36.50 -4.58
CA VAL A 12 -14.12 35.17 -4.34
C VAL A 12 -14.75 34.58 -5.63
N GLN A 13 -15.68 35.32 -6.24
CA GLN A 13 -16.35 34.82 -7.45
C GLN A 13 -15.40 34.63 -8.63
N SER A 14 -14.45 35.54 -8.79
CA SER A 14 -13.40 35.43 -9.80
C SER A 14 -12.56 34.12 -9.66
N VAL A 15 -12.07 33.85 -8.45
CA VAL A 15 -11.31 32.62 -8.11
C VAL A 15 -12.11 31.34 -8.37
N CYS A 16 -13.36 31.31 -7.91
CA CYS A 16 -14.22 30.16 -8.08
C CYS A 16 -14.47 29.87 -9.55
N LYS A 17 -14.71 30.95 -10.30
CA LYS A 17 -14.92 30.86 -11.75
C LYS A 17 -13.68 30.26 -12.47
N SER A 18 -12.50 30.81 -12.16
CA SER A 18 -11.20 30.35 -12.74
C SER A 18 -10.93 28.88 -12.43
N TYR A 19 -11.34 28.46 -11.24
CA TYR A 19 -11.27 27.07 -10.84
C TYR A 19 -12.21 26.16 -11.65
N ARG A 20 -13.50 26.47 -11.66
CA ARG A 20 -14.51 25.70 -12.41
C ARG A 20 -14.14 25.54 -13.89
N GLU A 21 -13.51 26.58 -14.45
CA GLU A 21 -13.11 26.61 -15.84
C GLU A 21 -11.89 25.77 -16.14
N THR A 22 -11.13 25.38 -15.10
CA THR A 22 -9.86 24.69 -15.29
C THR A 22 -9.78 23.38 -14.53
N CYS A 23 -10.94 22.82 -14.18
CA CYS A 23 -10.93 21.47 -13.68
C CYS A 23 -11.00 20.53 -14.87
N GLN A 24 -10.18 19.49 -14.88
CA GLN A 24 -10.34 18.53 -15.94
C GLN A 24 -11.51 17.56 -15.67
N LEU A 25 -11.84 17.36 -14.39
CA LEU A 25 -12.88 16.41 -13.99
C LEU A 25 -13.98 17.13 -13.24
N ARG A 26 -15.19 17.06 -13.79
CA ARG A 26 -16.39 17.62 -13.17
C ARG A 26 -16.73 16.80 -11.92
N LEU A 27 -17.02 17.47 -10.80
CA LEU A 27 -17.42 16.78 -9.56
C LEU A 27 -18.59 15.80 -9.79
N GLU A 28 -19.62 16.29 -10.47
CA GLU A 28 -20.82 15.51 -10.82
C GLU A 28 -20.44 14.18 -11.48
N ASP A 29 -19.50 14.23 -12.43
CA ASP A 29 -19.00 13.03 -13.13
C ASP A 29 -18.29 12.05 -12.21
N LEU A 30 -17.40 12.56 -11.33
CA LEU A 30 -16.68 11.73 -10.37
C LEU A 30 -17.62 11.05 -9.36
N LEU A 31 -18.63 11.78 -8.90
CA LEU A 31 -19.59 11.24 -7.96
C LEU A 31 -20.46 10.14 -8.58
N ARG A 32 -20.96 10.38 -9.78
CA ARG A 32 -21.86 9.41 -10.40
C ARG A 32 -21.14 8.18 -10.98
N GLN A 33 -19.80 8.23 -10.98
CA GLN A 33 -18.95 7.10 -11.39
C GLN A 33 -18.47 6.23 -10.24
N ARG A 34 -18.90 6.55 -9.01
CA ARG A 34 -18.37 5.88 -7.80
C ARG A 34 -18.65 4.37 -7.68
N SER A 35 -19.76 3.92 -8.26
CA SER A 35 -20.07 2.49 -8.33
C SER A 35 -19.20 1.72 -9.31
N ASN A 36 -18.54 2.45 -10.21
CA ASN A 36 -17.74 1.86 -11.27
C ASN A 36 -16.32 1.58 -10.71
N ILE A 37 -16.15 0.37 -10.17
CA ILE A 37 -14.99 0.00 -9.37
C ILE A 37 -14.28 -1.12 -10.11
N PHE A 38 -12.94 -1.08 -10.17
CA PHE A 38 -12.17 -2.19 -10.74
C PHE A 38 -12.47 -3.50 -10.03
N SER A 39 -12.69 -4.53 -10.85
CA SER A 39 -12.86 -5.91 -10.39
C SER A 39 -11.52 -6.46 -9.91
N ARG A 40 -11.57 -7.56 -9.16
CA ARG A 40 -10.38 -8.30 -8.75
C ARG A 40 -9.47 -8.69 -9.92
N GLU A 41 -10.08 -9.07 -11.04
CA GLU A 41 -9.35 -9.42 -12.27
C GLU A 41 -8.54 -8.23 -12.79
N GLU A 42 -9.17 -7.06 -12.84
CA GLU A 42 -8.49 -5.85 -13.28
C GLU A 42 -7.42 -5.38 -12.29
N VAL A 43 -7.69 -5.49 -11.00
CA VAL A 43 -6.70 -5.15 -9.95
C VAL A 43 -5.43 -6.01 -10.12
N THR A 44 -5.63 -7.33 -10.26
CA THR A 44 -4.56 -8.31 -10.55
C THR A 44 -3.78 -7.94 -11.81
N GLY A 45 -4.51 -7.50 -12.84
CA GLY A 45 -3.94 -7.02 -14.10
C GLY A 45 -2.99 -5.85 -13.84
N TYR A 46 -3.45 -4.88 -13.05
CA TYR A 46 -2.61 -3.73 -12.68
C TYR A 46 -1.37 -4.10 -11.87
N GLN A 47 -1.54 -5.07 -10.98
CA GLN A 47 -0.44 -5.53 -10.13
C GLN A 47 0.59 -6.34 -10.92
N ARG A 48 0.17 -6.90 -12.07
CA ARG A 48 1.05 -7.67 -12.93
C ARG A 48 1.83 -6.83 -13.94
N LYS A 49 1.43 -5.58 -14.13
CA LYS A 49 2.14 -4.66 -15.05
C LYS A 49 3.52 -4.33 -14.50
N SER A 50 4.51 -4.14 -15.37
CA SER A 50 5.85 -3.78 -14.93
C SER A 50 5.84 -2.45 -14.15
N MET A 51 6.80 -2.33 -13.25
CA MET A 51 7.04 -1.09 -12.52
C MET A 51 7.17 0.10 -13.48
N TRP A 52 7.92 -0.08 -14.58
CA TRP A 52 8.15 1.05 -15.49
C TRP A 52 6.92 1.49 -16.28
N GLU A 53 6.11 0.53 -16.72
CA GLU A 53 4.87 0.86 -17.39
C GLU A 53 3.87 1.62 -16.48
N MET A 54 3.77 1.20 -15.22
CA MET A 54 2.92 1.87 -14.25
C MET A 54 3.37 3.30 -13.94
N TRP A 55 4.68 3.50 -13.78
CA TRP A 55 5.26 4.85 -13.59
C TRP A 55 4.98 5.75 -14.78
N GLU A 56 5.16 5.21 -15.98
CA GLU A 56 4.91 5.97 -17.19
C GLU A 56 3.44 6.42 -17.23
N ARG A 57 2.51 5.49 -16.98
CA ARG A 57 1.09 5.79 -16.99
C ARG A 57 0.76 6.85 -15.94
N CYS A 58 1.22 6.63 -14.70
CA CYS A 58 1.04 7.64 -13.66
C CYS A 58 1.63 9.01 -13.99
N ALA A 59 2.87 9.06 -14.49
CA ALA A 59 3.51 10.34 -14.86
C ALA A 59 2.72 11.04 -15.95
N HIS A 60 2.20 10.27 -16.90
CA HIS A 60 1.35 10.84 -17.94
C HIS A 60 0.07 11.51 -17.39
N HIS A 61 -0.68 10.80 -16.55
CA HIS A 61 -1.97 11.34 -16.09
C HIS A 61 -1.78 12.57 -15.20
N LEU A 62 -0.74 12.50 -14.37
CA LEU A 62 -0.38 13.63 -13.49
C LEU A 62 0.06 14.84 -14.28
N THR A 63 0.79 14.61 -15.37
CA THR A 63 1.22 15.67 -16.26
C THR A 63 0.02 16.41 -16.85
N GLU A 64 -0.98 15.66 -17.33
CA GLU A 64 -2.24 16.26 -17.82
C GLU A 64 -2.93 17.08 -16.73
N ALA A 65 -3.07 16.52 -15.52
CA ALA A 65 -3.58 17.28 -14.37
C ALA A 65 -2.81 18.58 -14.11
N ILE A 66 -1.48 18.51 -14.20
CA ILE A 66 -0.63 19.69 -14.00
C ILE A 66 -0.95 20.79 -15.04
N GLN A 67 -1.11 20.39 -16.30
CA GLN A 67 -1.51 21.32 -17.38
C GLN A 67 -2.77 22.13 -17.06
N TYR A 68 -3.72 21.49 -16.37
CA TYR A 68 -4.96 22.20 -15.96
C TYR A 68 -4.66 23.19 -14.82
N VAL A 69 -3.80 22.79 -13.90
CA VAL A 69 -3.30 23.69 -12.85
C VAL A 69 -2.56 24.91 -13.43
N VAL A 70 -1.79 24.73 -14.50
CA VAL A 70 -1.13 25.87 -15.16
C VAL A 70 -2.18 26.83 -15.72
N GLU A 71 -3.20 26.30 -16.42
CA GLU A 71 -4.34 27.10 -16.86
C GLU A 71 -5.04 27.82 -15.71
N PHE A 72 -5.26 27.12 -14.60
CA PHE A 72 -5.82 27.75 -13.39
C PHE A 72 -5.01 28.99 -12.99
N ALA A 73 -3.68 28.88 -12.92
CA ALA A 73 -2.78 29.99 -12.56
C ALA A 73 -2.88 31.13 -13.57
N LYS A 74 -2.81 30.78 -14.85
CA LYS A 74 -2.95 31.78 -15.92
C LYS A 74 -4.26 32.56 -15.82
N ARG A 75 -5.31 31.93 -15.30
CA ARG A 75 -6.60 32.60 -15.12
C ARG A 75 -6.78 33.36 -13.79
N LEU A 76 -5.83 33.19 -12.87
CA LEU A 76 -5.92 33.79 -11.53
C LEU A 76 -5.54 35.24 -11.52
N SER A 77 -6.40 36.08 -10.96
CA SER A 77 -6.13 37.52 -10.82
C SER A 77 -4.82 37.68 -10.09
N GLY A 78 -3.97 38.54 -10.62
CA GLY A 78 -2.70 38.83 -9.97
C GLY A 78 -1.54 38.01 -10.51
N PHE A 79 -1.79 36.73 -10.82
CA PHE A 79 -0.73 35.81 -11.21
C PHE A 79 0.01 36.26 -12.48
N MET A 80 -0.74 36.62 -13.51
CA MET A 80 -0.15 37.05 -14.78
C MET A 80 0.49 38.43 -14.72
N GLU A 81 0.17 39.20 -13.67
CA GLU A 81 0.83 40.46 -13.41
C GLU A 81 2.22 40.29 -12.80
N LEU A 82 2.50 39.14 -12.18
CA LEU A 82 3.85 38.85 -11.66
C LEU A 82 4.82 38.66 -12.80
N CYS A 83 6.11 38.87 -12.53
CA CYS A 83 7.16 38.63 -13.51
C CYS A 83 7.28 37.15 -13.83
N GLN A 84 7.87 36.83 -14.98
CA GLN A 84 7.92 35.45 -15.45
C GLN A 84 8.71 34.55 -14.52
N ASN A 85 9.83 35.04 -13.98
CA ASN A 85 10.61 34.28 -12.99
C ASN A 85 9.68 33.77 -11.89
N ASP A 86 8.87 34.68 -11.36
CA ASP A 86 8.07 34.40 -10.20
C ASP A 86 6.91 33.49 -10.53
N GLN A 87 6.32 33.67 -11.71
CA GLN A 87 5.32 32.74 -12.28
C GLN A 87 5.83 31.30 -12.30
N ILE A 88 7.06 31.12 -12.78
CA ILE A 88 7.71 29.82 -12.89
C ILE A 88 8.03 29.24 -11.51
N VAL A 89 8.61 30.04 -10.62
CA VAL A 89 8.87 29.64 -9.24
C VAL A 89 7.59 29.11 -8.57
N LEU A 90 6.50 29.87 -8.69
CA LEU A 90 5.24 29.47 -8.04
C LEU A 90 4.65 28.17 -8.61
N LEU A 91 4.71 28.01 -9.93
CA LEU A 91 4.22 26.78 -10.55
C LEU A 91 5.15 25.62 -10.23
N LYS A 92 6.47 25.86 -10.24
CA LYS A 92 7.44 24.79 -9.97
C LYS A 92 7.24 24.20 -8.59
N ALA A 93 7.09 25.06 -7.60
CA ALA A 93 6.87 24.64 -6.22
C ALA A 93 5.43 24.17 -5.94
N GLY A 94 4.45 24.69 -6.68
CA GLY A 94 3.06 24.58 -6.25
C GLY A 94 2.15 23.72 -7.08
N ALA A 95 2.51 23.47 -8.34
CA ALA A 95 1.59 22.78 -9.26
C ALA A 95 1.19 21.39 -8.75
N MET A 96 2.17 20.60 -8.29
CA MET A 96 1.93 19.25 -7.76
C MET A 96 1.13 19.28 -6.45
N GLU A 97 1.40 20.31 -5.63
CA GLU A 97 0.67 20.51 -4.40
C GLU A 97 -0.81 20.74 -4.70
N VAL A 98 -1.12 21.56 -5.72
CA VAL A 98 -2.51 21.81 -6.14
C VAL A 98 -3.17 20.52 -6.64
N VAL A 99 -2.44 19.74 -7.44
CA VAL A 99 -2.94 18.43 -7.91
C VAL A 99 -3.33 17.52 -6.73
N LEU A 100 -2.42 17.41 -5.76
CA LEU A 100 -2.67 16.62 -4.57
C LEU A 100 -3.96 17.03 -3.84
N VAL A 101 -4.22 18.34 -3.74
CA VAL A 101 -5.45 18.84 -3.11
C VAL A 101 -6.67 18.53 -3.97
N ARG A 102 -6.60 18.83 -5.27
CA ARG A 102 -7.68 18.54 -6.20
C ARG A 102 -8.06 17.05 -6.21
N MET A 103 -7.07 16.19 -5.92
CA MET A 103 -7.25 14.73 -5.97
C MET A 103 -8.31 14.22 -4.98
N CYS A 104 -8.54 14.96 -3.88
CA CYS A 104 -9.56 14.56 -2.91
C CYS A 104 -10.96 14.47 -3.52
N ARG A 105 -11.23 15.26 -4.56
CA ARG A 105 -12.51 15.15 -5.31
C ARG A 105 -12.73 13.79 -5.95
N ALA A 106 -11.64 13.16 -6.40
CA ALA A 106 -11.67 11.89 -7.09
C ALA A 106 -11.50 10.73 -6.09
N TYR A 107 -11.64 11.04 -4.80
CA TYR A 107 -11.42 10.06 -3.76
C TYR A 107 -12.72 9.79 -3.01
N ASN A 108 -13.04 8.51 -2.86
CA ASN A 108 -14.23 8.03 -2.18
C ASN A 108 -13.80 7.48 -0.81
N ALA A 109 -14.06 8.26 0.24
CA ALA A 109 -13.71 7.87 1.60
C ALA A 109 -14.53 6.68 2.11
N ASP A 110 -15.75 6.50 1.58
CA ASP A 110 -16.62 5.39 1.98
C ASP A 110 -16.00 4.03 1.74
N ASN A 111 -15.25 3.88 0.65
CA ASN A 111 -14.54 2.63 0.37
C ASN A 111 -13.02 2.77 0.14
N ARG A 112 -12.46 3.96 0.37
CA ARG A 112 -11.02 4.24 0.21
C ARG A 112 -10.48 3.95 -1.22
N THR A 113 -11.20 4.47 -2.22
CA THR A 113 -10.81 4.32 -3.62
C THR A 113 -10.60 5.68 -4.30
N VAL A 114 -9.75 5.68 -5.33
CA VAL A 114 -9.41 6.88 -6.08
C VAL A 114 -9.75 6.62 -7.57
N PHE A 115 -10.20 7.66 -8.27
CA PHE A 115 -10.47 7.55 -9.71
C PHE A 115 -9.14 7.46 -10.48
N PHE A 116 -9.00 6.40 -11.27
CA PHE A 116 -7.79 6.16 -12.04
C PHE A 116 -8.15 5.42 -13.33
N GLU A 117 -7.85 6.04 -14.48
CA GLU A 117 -8.08 5.43 -15.81
C GLU A 117 -9.49 4.85 -16.00
N GLY A 118 -10.51 5.61 -15.57
CA GLY A 118 -11.89 5.29 -15.88
C GLY A 118 -12.73 4.61 -14.80
N LYS A 119 -12.07 4.01 -13.79
CA LYS A 119 -12.76 3.36 -12.65
C LYS A 119 -12.12 3.72 -11.30
N TYR A 120 -12.78 3.31 -10.22
CA TYR A 120 -12.26 3.51 -8.88
C TYR A 120 -11.50 2.28 -8.42
N GLY A 121 -10.32 2.50 -7.85
CA GLY A 121 -9.55 1.42 -7.21
C GLY A 121 -8.86 1.81 -5.93
N GLY A 122 -8.67 0.83 -5.05
CA GLY A 122 -7.98 1.06 -3.78
C GLY A 122 -6.48 1.14 -4.03
N MET A 123 -5.72 1.34 -2.96
CA MET A 123 -4.31 1.61 -3.12
C MET A 123 -3.49 0.39 -3.56
N GLU A 124 -4.04 -0.80 -3.34
CA GLU A 124 -3.43 -2.03 -3.87
C GLU A 124 -3.29 -2.06 -5.40
N LEU A 125 -4.05 -1.22 -6.09
CA LEU A 125 -3.98 -1.05 -7.53
C LEU A 125 -2.58 -0.61 -7.97
N PHE A 126 -1.89 0.12 -7.09
CA PHE A 126 -0.64 0.81 -7.41
C PHE A 126 0.64 0.08 -6.95
N ARG A 127 0.50 -1.17 -6.53
CA ARG A 127 1.57 -1.96 -5.94
C ARG A 127 2.81 -2.11 -6.83
N ALA A 128 2.60 -2.22 -8.16
CA ALA A 128 3.72 -2.36 -9.09
C ALA A 128 4.66 -1.15 -9.09
N LEU A 129 4.21 0.00 -8.58
CA LEU A 129 5.04 1.18 -8.54
C LEU A 129 6.21 1.03 -7.57
N GLY A 130 6.04 0.19 -6.54
CA GLY A 130 7.04 0.02 -5.51
C GLY A 130 7.26 1.29 -4.71
N CYS A 131 6.17 1.97 -4.37
CA CYS A 131 6.23 3.13 -3.49
C CYS A 131 4.98 3.22 -2.62
N SER A 132 4.75 2.17 -1.84
CA SER A 132 3.54 2.05 -1.02
C SER A 132 3.42 3.16 0.00
N GLU A 133 4.56 3.59 0.55
CA GLU A 133 4.61 4.68 1.52
C GLU A 133 4.04 5.96 0.91
N LEU A 134 4.56 6.36 -0.24
CA LEU A 134 4.00 7.49 -0.99
C LEU A 134 2.50 7.34 -1.26
N ILE A 135 2.10 6.15 -1.71
CA ILE A 135 0.73 5.91 -2.12
C ILE A 135 -0.22 6.01 -0.91
N SER A 136 0.12 5.29 0.16
CA SER A 136 -0.72 5.36 1.35
C SER A 136 -0.73 6.77 1.96
N SER A 137 0.38 7.48 1.89
CA SER A 137 0.40 8.89 2.31
C SER A 137 -0.59 9.73 1.50
N ILE A 138 -0.56 9.58 0.17
CA ILE A 138 -1.50 10.33 -0.68
C ILE A 138 -2.96 10.00 -0.32
N PHE A 139 -3.23 8.71 -0.14
CA PHE A 139 -4.54 8.19 0.24
C PHE A 139 -4.99 8.74 1.60
N ASP A 140 -4.09 8.72 2.60
CA ASP A 140 -4.41 9.29 3.92
C ASP A 140 -4.71 10.77 3.82
N PHE A 141 -3.95 11.47 2.97
CA PHE A 141 -4.14 12.89 2.77
C PHE A 141 -5.50 13.20 2.16
N SER A 142 -5.83 12.47 1.08
CA SER A 142 -7.15 12.58 0.45
C SER A 142 -8.28 12.23 1.41
N HIS A 143 -8.04 11.22 2.26
CA HIS A 143 -9.03 10.82 3.26
C HIS A 143 -9.30 11.97 4.24
N SER A 144 -8.23 12.59 4.72
CA SER A 144 -8.34 13.71 5.67
C SER A 144 -9.13 14.86 5.05
N LEU A 145 -8.84 15.20 3.79
CA LEU A 145 -9.55 16.29 3.13
C LEU A 145 -11.01 15.97 2.85
N SER A 146 -11.28 14.70 2.57
CA SER A 146 -12.63 14.22 2.30
C SER A 146 -13.49 14.31 3.55
N ALA A 147 -12.90 14.03 4.71
CA ALA A 147 -13.58 14.17 5.99
C ALA A 147 -14.09 15.60 6.30
N LEU A 148 -13.49 16.62 5.67
CA LEU A 148 -13.90 18.02 5.84
C LEU A 148 -15.10 18.42 4.99
N HIS A 149 -15.48 17.55 4.04
CA HIS A 149 -16.52 17.83 3.05
C HIS A 149 -16.28 19.15 2.31
N PHE A 150 -15.04 19.34 1.90
CA PHE A 150 -14.64 20.49 1.09
C PHE A 150 -15.63 20.82 -0.02
N SER A 151 -16.15 22.04 -0.04
CA SER A 151 -16.98 22.47 -1.16
C SER A 151 -16.09 22.80 -2.37
N GLU A 152 -16.69 22.91 -3.56
CA GLU A 152 -15.96 23.28 -4.78
C GLU A 152 -15.33 24.67 -4.66
N ASP A 153 -16.09 25.60 -4.07
CA ASP A 153 -15.65 26.95 -3.82
C ASP A 153 -14.50 27.02 -2.81
N GLU A 154 -14.56 26.21 -1.74
CA GLU A 154 -13.46 26.12 -0.76
C GLU A 154 -12.19 25.59 -1.43
N ILE A 155 -12.34 24.53 -2.24
CA ILE A 155 -11.20 23.98 -3.02
C ILE A 155 -10.58 25.06 -3.90
N ALA A 156 -11.42 25.85 -4.58
CA ALA A 156 -10.95 26.94 -5.45
C ALA A 156 -10.08 27.95 -4.68
N LEU A 157 -10.58 28.38 -3.53
CA LEU A 157 -9.91 29.41 -2.72
C LEU A 157 -8.65 28.87 -2.03
N TYR A 158 -8.76 27.64 -1.53
CA TYR A 158 -7.63 26.99 -0.89
C TYR A 158 -6.49 26.68 -1.87
N THR A 159 -6.82 26.25 -3.09
CA THR A 159 -5.76 25.93 -4.06
C THR A 159 -5.12 27.18 -4.63
N ALA A 160 -5.88 28.27 -4.69
CA ALA A 160 -5.32 29.55 -5.10
C ALA A 160 -4.25 30.01 -4.10
N LEU A 161 -4.49 29.78 -2.81
CA LEU A 161 -3.52 30.09 -1.78
C LEU A 161 -2.33 29.15 -1.76
N VAL A 162 -2.57 27.86 -1.98
CA VAL A 162 -1.48 26.88 -2.14
C VAL A 162 -0.48 27.36 -3.19
N LEU A 163 -1.01 27.85 -4.31
CA LEU A 163 -0.20 28.36 -5.40
C LEU A 163 0.45 29.72 -5.09
N ILE A 164 -0.31 30.62 -4.49
CA ILE A 164 0.17 31.99 -4.27
C ILE A 164 0.75 32.04 -2.87
N ASN A 165 1.98 31.55 -2.77
CA ASN A 165 2.67 31.38 -1.51
C ASN A 165 3.96 32.21 -1.59
N ALA A 166 3.99 33.30 -0.82
CA ALA A 166 5.10 34.26 -0.83
C ALA A 166 6.40 33.78 -0.15
N HIS A 167 6.36 32.62 0.50
CA HIS A 167 7.56 32.03 1.12
C HIS A 167 8.41 31.19 0.16
N ARG A 168 7.96 30.99 -1.09
CA ARG A 168 8.73 30.15 -2.03
C ARG A 168 10.11 30.77 -2.27
N PRO A 169 11.20 29.99 -2.03
CA PRO A 169 12.54 30.50 -2.34
C PRO A 169 12.67 30.82 -3.82
N GLY A 170 13.27 31.97 -4.12
CA GLY A 170 13.61 32.35 -5.48
C GLY A 170 12.73 33.43 -6.08
N LEU A 171 11.78 33.93 -5.30
CA LEU A 171 10.89 35.01 -5.73
C LEU A 171 11.63 36.34 -5.80
N GLN A 172 11.46 37.02 -6.90
CA GLN A 172 12.08 38.34 -7.11
C GLN A 172 11.20 39.49 -6.61
N GLU A 173 9.88 39.31 -6.67
CA GLU A 173 8.94 40.34 -6.21
C GLU A 173 8.16 39.78 -5.02
N LYS A 174 8.89 39.52 -3.94
CA LYS A 174 8.32 38.90 -2.73
C LYS A 174 7.13 39.70 -2.20
N ARG A 175 7.32 41.01 -2.03
CA ARG A 175 6.29 41.90 -1.48
C ARG A 175 5.00 41.91 -2.31
N LYS A 176 5.15 41.88 -3.64
CA LYS A 176 4.00 41.76 -4.52
C LYS A 176 3.23 40.44 -4.32
N VAL A 177 3.95 39.32 -4.21
CA VAL A 177 3.33 38.02 -3.98
C VAL A 177 2.63 38.01 -2.61
N GLU A 178 3.28 38.62 -1.61
CA GLU A 178 2.70 38.81 -0.27
C GLU A 178 1.37 39.53 -0.33
N GLN A 179 1.28 40.62 -1.12
CA GLN A 179 0.04 41.39 -1.21
C GLN A 179 -1.08 40.57 -1.85
N LEU A 180 -0.73 39.80 -2.89
CA LEU A 180 -1.67 38.90 -3.55
C LEU A 180 -2.16 37.83 -2.61
N GLN A 181 -1.22 37.20 -1.90
CA GLN A 181 -1.52 36.14 -0.91
C GLN A 181 -2.52 36.63 0.17
N TYR A 182 -2.23 37.81 0.72
CA TYR A 182 -3.08 38.45 1.74
C TYR A 182 -4.50 38.69 1.23
N ASN A 183 -4.63 39.24 0.01
CA ASN A 183 -5.94 39.48 -0.60
C ASN A 183 -6.71 38.17 -0.80
N LEU A 184 -6.00 37.12 -1.22
CA LEU A 184 -6.62 35.81 -1.34
C LEU A 184 -6.98 35.19 0.02
N GLU A 185 -6.18 35.49 1.05
CA GLU A 185 -6.46 35.03 2.41
C GLU A 185 -7.75 35.67 2.94
N LEU A 186 -7.92 36.97 2.73
CA LEU A 186 -9.16 37.67 3.08
C LEU A 186 -10.38 37.10 2.34
N ALA A 187 -10.23 36.83 1.04
CA ALA A 187 -11.25 36.17 0.22
C ALA A 187 -11.66 34.79 0.78
N PHE A 188 -10.67 33.92 1.03
CA PHE A 188 -10.93 32.58 1.59
C PHE A 188 -11.64 32.67 2.96
N HIS A 189 -11.10 33.49 3.86
CA HIS A 189 -11.61 33.57 5.22
C HIS A 189 -12.95 34.29 5.26
N HIS A 190 -13.13 35.31 4.42
CA HIS A 190 -14.46 35.93 4.28
C HIS A 190 -15.53 34.93 3.86
N HIS A 191 -15.25 34.16 2.80
CA HIS A 191 -16.17 33.12 2.34
C HIS A 191 -16.51 32.10 3.42
N LEU A 192 -15.49 31.61 4.15
CA LEU A 192 -15.72 30.68 5.27
C LEU A 192 -16.60 31.27 6.36
N CYS A 193 -16.39 32.56 6.63
CA CYS A 193 -17.19 33.28 7.65
C CYS A 193 -18.63 33.40 7.18
N LYS A 194 -18.82 33.88 5.95
CA LYS A 194 -20.14 33.97 5.30
C LYS A 194 -20.94 32.67 5.28
N THR A 195 -20.23 31.54 5.12
CA THR A 195 -20.85 30.23 5.00
C THR A 195 -20.82 29.39 6.28
N HIS A 196 -20.43 30.02 7.39
CA HIS A 196 -20.32 29.37 8.71
C HIS A 196 -19.43 28.12 8.66
N ARG A 197 -18.29 28.27 7.98
CA ARG A 197 -17.38 27.16 7.76
C ARG A 197 -15.97 27.39 8.34
N GLN A 198 -15.85 28.37 9.24
CA GLN A 198 -14.55 28.70 9.83
C GLN A 198 -13.98 27.61 10.73
N SER A 199 -14.83 26.68 11.14
CA SER A 199 -14.39 25.50 11.90
C SER A 199 -13.43 24.59 11.10
N ILE A 200 -13.40 24.73 9.77
CA ILE A 200 -12.42 23.95 8.99
C ILE A 200 -10.98 24.47 9.14
N LEU A 201 -10.80 25.74 9.51
CA LEU A 201 -9.47 26.38 9.62
C LEU A 201 -8.44 25.56 10.42
N ALA A 202 -8.84 25.13 11.61
CA ALA A 202 -7.99 24.30 12.48
C ALA A 202 -7.78 22.89 11.93
N LYS A 203 -8.64 22.46 11.00
CA LYS A 203 -8.65 21.10 10.49
C LYS A 203 -7.92 20.96 9.14
N LEU A 204 -7.45 22.08 8.58
CA LEU A 204 -6.71 22.06 7.32
C LEU A 204 -5.32 21.47 7.55
N PRO A 205 -4.71 20.83 6.53
CA PRO A 205 -3.41 20.18 6.74
C PRO A 205 -2.30 21.16 7.11
N PRO A 206 -1.40 20.78 8.05
CA PRO A 206 -0.25 21.63 8.41
C PRO A 206 0.55 21.95 7.15
N LYS A 207 1.17 23.13 7.05
CA LYS A 207 1.71 23.59 5.74
C LYS A 207 2.67 22.56 5.11
N GLY A 208 3.69 22.19 5.88
CA GLY A 208 4.72 21.23 5.46
C GLY A 208 4.25 19.83 5.09
N LYS A 209 2.97 19.55 5.29
CA LYS A 209 2.39 18.25 4.90
C LYS A 209 2.39 18.05 3.35
N LEU A 210 1.96 19.09 2.64
CA LEU A 210 1.96 19.09 1.18
C LEU A 210 3.37 19.01 0.61
N ARG A 211 4.27 19.73 1.28
CA ARG A 211 5.68 19.74 0.94
C ARG A 211 6.29 18.34 1.16
N SER A 212 5.91 17.68 2.26
CA SER A 212 6.32 16.30 2.54
C SER A 212 5.91 15.30 1.45
N LEU A 213 4.68 15.45 0.96
CA LEU A 213 4.14 14.63 -0.11
C LEU A 213 4.91 14.81 -1.45
N CYS A 214 5.21 16.07 -1.80
CA CYS A 214 5.96 16.43 -3.01
C CYS A 214 7.41 16.00 -2.92
N SER A 215 8.02 16.12 -1.74
CA SER A 215 9.35 15.59 -1.46
C SER A 215 9.45 14.09 -1.65
N GLN A 216 8.46 13.35 -1.12
CA GLN A 216 8.34 11.90 -1.28
C GLN A 216 8.20 11.53 -2.74
N HIS A 217 7.40 12.30 -3.47
CA HIS A 217 7.22 12.09 -4.91
C HIS A 217 8.57 12.17 -5.64
N VAL A 218 9.28 13.26 -5.42
CA VAL A 218 10.62 13.51 -5.99
C VAL A 218 11.62 12.40 -5.61
N GLU A 219 11.64 12.03 -4.33
CA GLU A 219 12.54 10.99 -3.82
C GLU A 219 12.31 9.64 -4.50
N ARG A 220 11.05 9.26 -4.65
CA ARG A 220 10.68 8.02 -5.33
C ARG A 220 11.03 8.01 -6.83
N LEU A 221 10.79 9.14 -7.48
CA LEU A 221 11.18 9.33 -8.87
C LEU A 221 12.69 9.11 -9.08
N GLN A 222 13.49 9.73 -8.23
CA GLN A 222 14.96 9.62 -8.25
C GLN A 222 15.39 8.15 -8.29
N ILE A 223 14.78 7.33 -7.42
CA ILE A 223 15.06 5.91 -7.31
C ILE A 223 14.61 5.20 -8.57
N PHE A 224 13.39 5.52 -9.02
CA PHE A 224 12.90 4.95 -10.27
C PHE A 224 13.81 5.30 -11.47
N GLN A 225 14.18 6.58 -11.59
CA GLN A 225 15.05 7.07 -12.68
C GLN A 225 16.41 6.39 -12.69
N HIS A 226 16.94 6.12 -11.50
CA HIS A 226 18.17 5.35 -11.32
C HIS A 226 18.01 3.90 -11.85
N LEU A 227 16.84 3.30 -11.62
CA LEU A 227 16.57 1.95 -12.13
C LEU A 227 16.19 1.88 -13.62
N HIS A 228 15.57 2.94 -14.14
CA HIS A 228 15.10 2.97 -15.53
C HIS A 228 15.41 4.30 -16.23
N PRO A 229 16.71 4.64 -16.38
CA PRO A 229 17.01 5.97 -16.91
C PRO A 229 16.52 6.18 -18.37
N ILE A 230 16.60 5.14 -19.19
CA ILE A 230 16.14 5.21 -20.59
C ILE A 230 14.63 5.47 -20.66
N VAL A 231 13.86 4.82 -19.78
CA VAL A 231 12.41 4.95 -19.76
C VAL A 231 12.00 6.40 -19.49
N VAL A 232 12.60 6.99 -18.46
CA VAL A 232 12.36 8.39 -18.13
C VAL A 232 12.76 9.27 -19.32
N GLN A 233 13.97 9.06 -19.84
CA GLN A 233 14.42 9.86 -20.97
C GLN A 233 13.50 9.71 -22.19
N ALA A 234 13.09 8.49 -22.51
CA ALA A 234 12.34 8.20 -23.73
C ALA A 234 10.82 8.29 -23.60
N ALA A 235 10.27 8.00 -22.42
CA ALA A 235 8.82 7.82 -22.30
C ALA A 235 8.12 8.66 -21.23
N PHE A 236 8.86 9.53 -20.52
CA PHE A 236 8.22 10.46 -19.58
C PHE A 236 7.93 11.81 -20.24
N PRO A 237 6.79 12.46 -19.88
CA PRO A 237 6.49 13.75 -20.50
C PRO A 237 7.58 14.78 -20.15
N PRO A 238 7.94 15.62 -21.13
CA PRO A 238 8.92 16.70 -20.93
C PRO A 238 8.56 17.61 -19.74
N LEU A 239 7.28 17.96 -19.60
CA LEU A 239 6.85 18.84 -18.52
C LEU A 239 7.08 18.20 -17.16
N TYR A 240 6.78 16.91 -17.07
CA TYR A 240 6.96 16.15 -15.83
C TYR A 240 8.42 16.13 -15.41
N LYS A 241 9.34 15.93 -16.35
CA LYS A 241 10.78 15.93 -16.06
C LYS A 241 11.29 17.30 -15.62
N GLU A 242 10.85 18.32 -16.32
CA GLU A 242 11.14 19.71 -16.00
C GLU A 242 10.77 20.05 -14.53
N LEU A 243 9.59 19.60 -14.08
CA LEU A 243 9.12 19.85 -12.71
C LEU A 243 9.76 18.98 -11.64
N PHE A 244 10.07 17.72 -11.96
CA PHE A 244 10.39 16.74 -10.91
C PHE A 244 11.78 16.09 -11.01
N SER A 245 12.51 16.44 -12.07
CA SER A 245 13.85 15.92 -12.45
C SER A 245 13.82 14.49 -12.99
N LYS B 1 12.06 25.26 -20.37
CA LYS B 1 11.54 24.73 -21.67
C LYS B 1 10.02 24.91 -21.81
N ILE B 2 9.23 23.94 -21.31
CA ILE B 2 7.77 23.87 -21.57
C ILE B 2 6.93 24.88 -20.78
N LEU B 3 7.23 25.06 -19.49
CA LEU B 3 6.49 25.99 -18.63
C LEU B 3 6.52 27.42 -19.18
N HIS B 4 7.70 27.84 -19.64
CA HIS B 4 7.91 29.07 -20.41
C HIS B 4 6.90 29.20 -21.54
N ARG B 5 6.83 28.16 -22.38
CA ARG B 5 5.97 28.12 -23.57
C ARG B 5 4.48 28.10 -23.21
N LEU B 6 4.11 27.35 -22.16
CA LEU B 6 2.73 27.28 -21.68
C LEU B 6 2.21 28.62 -21.14
N LEU B 7 3.08 29.39 -20.50
CA LEU B 7 2.71 30.69 -19.92
C LEU B 7 2.44 31.82 -20.95
N GLN B 8 2.90 31.65 -22.18
CA GLN B 8 2.62 32.63 -23.25
C GLN B 8 1.94 32.02 -24.48
N PRO C 1 24.47 -17.60 -9.17
CA PRO C 1 24.42 -18.81 -9.99
C PRO C 1 25.18 -19.99 -9.35
N TYR C 2 24.44 -21.08 -9.08
CA TYR C 2 24.98 -22.24 -8.36
C TYR C 2 25.48 -23.32 -9.32
N ALA C 3 26.79 -23.49 -9.34
CA ALA C 3 27.50 -24.32 -10.34
C ALA C 3 27.40 -25.83 -10.08
N SER C 4 28.02 -26.30 -8.99
CA SER C 4 28.16 -27.71 -8.72
C SER C 4 27.10 -28.24 -7.75
N LEU C 5 27.07 -29.57 -7.64
CA LEU C 5 26.17 -30.24 -6.70
C LEU C 5 26.48 -29.87 -5.25
N THR C 6 27.78 -29.76 -4.93
CA THR C 6 28.21 -29.42 -3.58
C THR C 6 27.70 -28.06 -3.13
N GLU C 7 27.73 -27.06 -4.01
CA GLU C 7 27.13 -25.75 -3.73
C GLU C 7 25.62 -25.84 -3.50
N ILE C 8 24.92 -26.54 -4.41
CA ILE C 8 23.48 -26.76 -4.26
C ILE C 8 23.12 -27.43 -2.93
N GLU C 9 23.84 -28.48 -2.57
CA GLU C 9 23.65 -29.19 -1.30
C GLU C 9 23.96 -28.33 -0.07
N HIS C 10 24.90 -27.41 -0.23
CA HIS C 10 25.21 -26.47 0.84
C HIS C 10 24.01 -25.57 1.09
N LEU C 11 23.39 -25.09 0.01
CA LEU C 11 22.19 -24.27 0.12
C LEU C 11 21.06 -25.04 0.78
N VAL C 12 20.79 -26.28 0.34
CA VAL C 12 19.79 -27.14 0.98
C VAL C 12 19.99 -27.13 2.51
N GLN C 13 21.21 -27.44 2.94
CA GLN C 13 21.53 -27.54 4.36
C GLN C 13 21.41 -26.22 5.09
N SER C 14 21.83 -25.15 4.43
CA SER C 14 21.70 -23.82 4.95
C SER C 14 20.23 -23.43 5.21
N VAL C 15 19.36 -23.68 4.23
CA VAL C 15 17.92 -23.38 4.32
C VAL C 15 17.26 -24.18 5.42
N CYS C 16 17.59 -25.48 5.50
CA CYS C 16 16.98 -26.36 6.49
C CYS C 16 17.36 -25.91 7.89
N LYS C 17 18.62 -25.50 8.04
CA LYS C 17 19.14 -24.96 9.31
C LYS C 17 18.39 -23.66 9.74
N SER C 18 18.30 -22.71 8.81
CA SER C 18 17.56 -21.44 9.03
C SER C 18 16.12 -21.67 9.45
N TYR C 19 15.50 -22.68 8.86
CA TYR C 19 14.15 -23.07 9.18
C TYR C 19 14.03 -23.65 10.61
N ARG C 20 14.86 -24.64 10.92
CA ARG C 20 14.89 -25.32 12.23
C ARG C 20 15.06 -24.31 13.39
N GLU C 21 15.93 -23.32 13.18
CA GLU C 21 16.23 -22.30 14.18
C GLU C 21 15.15 -21.24 14.36
N THR C 22 14.19 -21.18 13.44
CA THR C 22 13.19 -20.12 13.46
C THR C 22 11.77 -20.68 13.47
N CYS C 23 11.64 -21.92 13.94
CA CYS C 23 10.32 -22.44 14.18
C CYS C 23 9.97 -22.15 15.62
N GLN C 24 8.79 -21.60 15.88
CA GLN C 24 8.39 -21.47 17.28
C GLN C 24 7.89 -22.77 17.89
N LEU C 25 7.40 -23.69 17.05
CA LEU C 25 6.86 -24.96 17.51
C LEU C 25 7.62 -26.13 16.93
N ARG C 26 8.23 -26.91 17.82
CA ARG C 26 8.88 -28.16 17.44
C ARG C 26 7.85 -29.17 16.98
N LEU C 27 8.13 -29.85 15.87
CA LEU C 27 7.26 -30.91 15.35
C LEU C 27 6.98 -31.98 16.41
N GLU C 28 8.04 -32.37 17.12
CA GLU C 28 8.00 -33.33 18.21
C GLU C 28 6.95 -32.93 19.26
N ASP C 29 6.95 -31.66 19.65
CA ASP C 29 5.97 -31.14 20.61
C ASP C 29 4.53 -31.20 20.11
N LEU C 30 4.31 -30.85 18.82
CA LEU C 30 2.97 -30.85 18.22
C LEU C 30 2.41 -32.27 18.09
N LEU C 31 3.27 -33.22 17.74
CA LEU C 31 2.84 -34.61 17.57
C LEU C 31 2.50 -35.26 18.91
N ARG C 32 3.32 -35.02 19.93
CA ARG C 32 3.04 -35.64 21.22
C ARG C 32 1.91 -34.96 22.03
N GLN C 33 1.46 -33.80 21.53
CA GLN C 33 0.29 -33.08 22.08
C GLN C 33 -1.04 -33.46 21.43
N ARG C 34 -1.02 -34.37 20.44
CA ARG C 34 -2.25 -34.65 19.64
C ARG C 34 -3.45 -35.21 20.40
N SER C 35 -3.20 -35.97 21.46
CA SER C 35 -4.26 -36.47 22.35
C SER C 35 -4.89 -35.38 23.21
N ASN C 36 -4.22 -34.23 23.28
CA ASN C 36 -4.65 -33.11 24.12
C ASN C 36 -5.62 -32.25 23.29
N ILE C 37 -6.91 -32.56 23.42
CA ILE C 37 -7.97 -32.05 22.54
C ILE C 37 -8.98 -31.31 23.41
N PHE C 38 -9.46 -30.17 22.94
CA PHE C 38 -10.49 -29.42 23.68
C PHE C 38 -11.75 -30.23 23.88
N SER C 39 -12.21 -30.23 25.14
CA SER C 39 -13.47 -30.86 25.52
C SER C 39 -14.64 -30.06 24.96
N ARG C 40 -15.80 -30.71 24.89
CA ARG C 40 -17.06 -30.05 24.51
C ARG C 40 -17.37 -28.76 25.29
N GLU C 41 -17.10 -28.78 26.60
CA GLU C 41 -17.23 -27.62 27.47
C GLU C 41 -16.36 -26.47 26.97
N GLU C 42 -15.08 -26.76 26.70
CA GLU C 42 -14.16 -25.75 26.23
C GLU C 42 -14.52 -25.22 24.84
N VAL C 43 -14.98 -26.10 23.96
CA VAL C 43 -15.43 -25.70 22.62
C VAL C 43 -16.59 -24.68 22.72
N THR C 44 -17.58 -25.01 23.54
CA THR C 44 -18.74 -24.16 23.85
C THR C 44 -18.27 -22.82 24.43
N GLY C 45 -17.26 -22.87 25.30
CA GLY C 45 -16.63 -21.68 25.89
C GLY C 45 -16.09 -20.78 24.81
N TYR C 46 -15.36 -21.36 23.85
CA TYR C 46 -14.85 -20.60 22.69
C TYR C 46 -15.94 -19.99 21.83
N GLN C 47 -17.03 -20.74 21.65
CA GLN C 47 -18.13 -20.33 20.79
C GLN C 47 -18.96 -19.22 21.44
N ARG C 48 -18.86 -19.10 22.76
CA ARG C 48 -19.55 -18.08 23.53
C ARG C 48 -18.77 -16.79 23.66
N LYS C 49 -17.47 -16.80 23.37
CA LYS C 49 -16.63 -15.59 23.41
C LYS C 49 -17.05 -14.64 22.32
N SER C 50 -16.94 -13.33 22.56
CA SER C 50 -17.35 -12.35 21.56
C SER C 50 -16.52 -12.45 20.27
N MET C 51 -17.10 -12.01 19.16
CA MET C 51 -16.40 -11.93 17.89
C MET C 51 -15.09 -11.15 18.03
N TRP C 52 -15.14 -10.02 18.75
CA TRP C 52 -13.96 -9.15 18.84
C TRP C 52 -12.83 -9.73 19.68
N GLU C 53 -13.19 -10.38 20.78
CA GLU C 53 -12.18 -11.06 21.61
C GLU C 53 -11.47 -12.20 20.85
N MET C 54 -12.24 -12.99 20.10
CA MET C 54 -11.65 -14.07 19.31
C MET C 54 -10.73 -13.59 18.18
N TRP C 55 -11.14 -12.51 17.51
CA TRP C 55 -10.30 -11.87 16.47
C TRP C 55 -8.99 -11.36 17.05
N GLU C 56 -9.11 -10.69 18.19
CA GLU C 56 -7.94 -10.14 18.88
C GLU C 56 -6.94 -11.27 19.21
N ARG C 57 -7.46 -12.35 19.77
CA ARG C 57 -6.62 -13.48 20.16
C ARG C 57 -5.97 -14.11 18.94
N CYS C 58 -6.75 -14.32 17.89
CA CYS C 58 -6.20 -14.86 16.66
C CYS C 58 -5.11 -13.98 16.05
N ALA C 59 -5.37 -12.66 15.99
CA ALA C 59 -4.44 -11.68 15.43
C ALA C 59 -3.13 -11.69 16.20
N HIS C 60 -3.23 -11.83 17.53
CA HIS C 60 -2.06 -11.96 18.39
C HIS C 60 -1.20 -13.20 18.10
N HIS C 61 -1.83 -14.37 17.99
CA HIS C 61 -1.07 -15.61 17.82
C HIS C 61 -0.40 -15.64 16.43
N LEU C 62 -1.13 -15.15 15.44
CA LEU C 62 -0.61 -15.03 14.08
C LEU C 62 0.54 -14.02 13.97
N THR C 63 0.44 -12.92 14.72
CA THR C 63 1.51 -11.90 14.73
C THR C 63 2.80 -12.50 15.28
N GLU C 64 2.71 -13.26 16.37
CA GLU C 64 3.85 -14.01 16.92
C GLU C 64 4.45 -14.95 15.88
N ALA C 65 3.60 -15.72 15.22
CA ALA C 65 3.99 -16.62 14.14
C ALA C 65 4.74 -15.89 13.01
N ILE C 66 4.20 -14.73 12.61
CA ILE C 66 4.81 -13.86 11.58
C ILE C 66 6.23 -13.42 11.97
N GLN C 67 6.40 -13.05 13.23
CA GLN C 67 7.71 -12.62 13.78
C GLN C 67 8.78 -13.69 13.59
N TYR C 68 8.40 -14.96 13.71
CA TYR C 68 9.32 -16.07 13.46
C TYR C 68 9.66 -16.21 11.96
N VAL C 69 8.66 -15.95 11.11
CA VAL C 69 8.86 -15.89 9.66
C VAL C 69 9.86 -14.81 9.25
N VAL C 70 9.75 -13.62 9.88
CA VAL C 70 10.69 -12.53 9.64
C VAL C 70 12.10 -12.98 10.03
N GLU C 71 12.25 -13.64 11.19
CA GLU C 71 13.56 -14.20 11.58
C GLU C 71 14.06 -15.24 10.57
N PHE C 72 13.16 -16.10 10.11
CA PHE C 72 13.50 -17.06 9.05
C PHE C 72 14.09 -16.31 7.84
N ALA C 73 13.41 -15.24 7.40
CA ALA C 73 13.85 -14.44 6.25
C ALA C 73 15.21 -13.80 6.52
N LYS C 74 15.38 -13.23 7.73
CA LYS C 74 16.67 -12.62 8.11
C LYS C 74 17.84 -13.63 8.04
N ARG C 75 17.54 -14.91 8.28
CA ARG C 75 18.54 -15.97 8.24
C ARG C 75 18.72 -16.65 6.88
N LEU C 76 17.84 -16.36 5.92
CA LEU C 76 17.94 -16.93 4.57
C LEU C 76 19.01 -16.24 3.76
N SER C 77 20.02 -17.00 3.34
CA SER C 77 21.12 -16.41 2.59
C SER C 77 20.57 -15.89 1.26
N GLY C 78 21.01 -14.69 0.89
CA GLY C 78 20.45 -14.01 -0.25
C GLY C 78 19.55 -12.87 0.18
N PHE C 79 18.66 -13.15 1.15
CA PHE C 79 17.61 -12.20 1.53
C PHE C 79 18.14 -10.87 2.05
N MET C 80 19.11 -10.94 2.96
CA MET C 80 19.68 -9.75 3.59
C MET C 80 20.60 -8.98 2.65
N GLU C 81 20.97 -9.60 1.53
CA GLU C 81 21.72 -8.93 0.46
C GLU C 81 20.82 -8.17 -0.51
N LEU C 82 19.50 -8.38 -0.43
CA LEU C 82 18.57 -7.56 -1.20
C LEU C 82 18.42 -6.21 -0.52
N CYS C 83 18.03 -5.19 -1.30
CA CYS C 83 17.72 -3.88 -0.75
C CYS C 83 16.53 -3.93 0.20
N GLN C 84 16.48 -2.97 1.13
CA GLN C 84 15.43 -2.92 2.15
C GLN C 84 14.04 -2.89 1.55
N ASN C 85 13.87 -2.12 0.47
CA ASN C 85 12.60 -2.06 -0.24
C ASN C 85 12.12 -3.47 -0.58
N ASP C 86 13.02 -4.27 -1.13
CA ASP C 86 12.68 -5.58 -1.66
C ASP C 86 12.46 -6.56 -0.54
N GLN C 87 13.28 -6.45 0.50
CA GLN C 87 13.05 -7.17 1.77
C GLN C 87 11.61 -7.02 2.28
N ILE C 88 11.15 -5.77 2.33
CA ILE C 88 9.82 -5.43 2.84
C ILE C 88 8.72 -5.92 1.88
N VAL C 89 8.88 -5.69 0.57
CA VAL C 89 7.93 -6.23 -0.41
C VAL C 89 7.74 -7.74 -0.23
N LEU C 90 8.85 -8.46 -0.13
CA LEU C 90 8.78 -9.93 -0.06
C LEU C 90 8.10 -10.41 1.23
N LEU C 91 8.40 -9.74 2.34
CA LEU C 91 7.77 -10.07 3.62
C LEU C 91 6.31 -9.66 3.67
N LYS C 92 5.97 -8.49 3.09
CA LYS C 92 4.57 -8.02 3.11
C LYS C 92 3.67 -8.99 2.36
N ALA C 93 4.13 -9.45 1.20
CA ALA C 93 3.38 -10.37 0.38
C ALA C 93 3.46 -11.81 0.88
N GLY C 94 4.59 -12.18 1.49
CA GLY C 94 4.89 -13.59 1.75
C GLY C 94 4.77 -14.12 3.16
N ALA C 95 4.86 -13.25 4.16
CA ALA C 95 4.90 -13.71 5.55
C ALA C 95 3.69 -14.55 5.92
N MET C 96 2.49 -14.07 5.60
CA MET C 96 1.26 -14.81 5.90
C MET C 96 1.18 -16.10 5.09
N GLU C 97 1.67 -16.07 3.85
CA GLU C 97 1.70 -17.29 3.03
C GLU C 97 2.54 -18.37 3.71
N VAL C 98 3.70 -18.00 4.25
CA VAL C 98 4.58 -18.92 4.97
C VAL C 98 3.91 -19.50 6.21
N VAL C 99 3.25 -18.62 6.98
CA VAL C 99 2.49 -19.04 8.16
C VAL C 99 1.45 -20.11 7.78
N LEU C 100 0.70 -19.84 6.72
CA LEU C 100 -0.31 -20.79 6.26
C LEU C 100 0.29 -22.15 5.94
N VAL C 101 1.49 -22.18 5.35
CA VAL C 101 2.16 -23.44 5.01
C VAL C 101 2.68 -24.12 6.29
N ARG C 102 3.35 -23.35 7.15
CA ARG C 102 3.86 -23.89 8.41
C ARG C 102 2.72 -24.47 9.27
N MET C 103 1.51 -23.94 9.12
CA MET C 103 0.35 -24.38 9.90
C MET C 103 0.01 -25.87 9.76
N CYS C 104 0.40 -26.48 8.63
CA CYS C 104 0.04 -27.88 8.39
C CYS C 104 0.73 -28.82 9.40
N ARG C 105 1.87 -28.40 9.92
CA ARG C 105 2.55 -29.14 11.01
C ARG C 105 1.71 -29.26 12.29
N ALA C 106 0.92 -28.23 12.57
CA ALA C 106 0.08 -28.15 13.76
C ALA C 106 -1.33 -28.67 13.46
N TYR C 107 -1.50 -29.33 12.31
CA TYR C 107 -2.80 -29.83 11.89
C TYR C 107 -2.79 -31.37 11.87
N ASN C 108 -3.80 -31.95 12.52
CA ASN C 108 -3.99 -33.40 12.60
C ASN C 108 -5.10 -33.81 11.62
N ALA C 109 -4.70 -34.46 10.52
CA ALA C 109 -5.61 -34.93 9.47
C ALA C 109 -6.53 -36.06 9.94
N ASP C 110 -6.03 -36.87 10.87
CA ASP C 110 -6.77 -38.00 11.44
C ASP C 110 -8.08 -37.61 12.08
N ASN C 111 -8.15 -36.44 12.70
CA ASN C 111 -9.39 -35.94 13.32
C ASN C 111 -9.77 -34.49 12.96
N ARG C 112 -9.05 -33.92 11.99
CA ARG C 112 -9.31 -32.55 11.46
C ARG C 112 -9.24 -31.45 12.55
N THR C 113 -8.17 -31.48 13.33
CA THR C 113 -7.98 -30.50 14.41
C THR C 113 -6.67 -29.74 14.19
N VAL C 114 -6.61 -28.52 14.72
CA VAL C 114 -5.43 -27.67 14.64
C VAL C 114 -5.01 -27.26 16.07
N PHE C 115 -3.71 -27.14 16.30
CA PHE C 115 -3.18 -26.65 17.59
C PHE C 115 -3.52 -25.17 17.73
N PHE C 116 -4.23 -24.83 18.82
CA PHE C 116 -4.63 -23.46 19.16
C PHE C 116 -4.68 -23.30 20.68
N GLU C 117 -3.85 -22.41 21.22
CA GLU C 117 -3.86 -22.06 22.66
C GLU C 117 -3.77 -23.29 23.58
N GLY C 118 -2.83 -24.18 23.28
CA GLY C 118 -2.48 -25.30 24.15
C GLY C 118 -3.05 -26.67 23.84
N LYS C 119 -4.12 -26.70 23.04
CA LYS C 119 -4.84 -27.94 22.71
C LYS C 119 -5.27 -27.96 21.24
N TYR C 120 -5.74 -29.10 20.79
CA TYR C 120 -6.25 -29.27 19.43
C TYR C 120 -7.78 -29.15 19.44
N GLY C 121 -8.30 -28.41 18.46
CA GLY C 121 -9.73 -28.30 18.25
C GLY C 121 -10.09 -28.23 16.77
N GLY C 122 -11.31 -28.63 16.44
CA GLY C 122 -11.80 -28.63 15.07
C GLY C 122 -12.20 -27.23 14.68
N MET C 123 -12.70 -27.06 13.47
CA MET C 123 -13.00 -25.73 12.96
C MET C 123 -14.17 -25.05 13.67
N GLU C 124 -14.99 -25.87 14.33
CA GLU C 124 -16.12 -25.36 15.12
C GLU C 124 -15.67 -24.48 16.29
N LEU C 125 -14.41 -24.62 16.70
CA LEU C 125 -13.80 -23.84 17.76
C LEU C 125 -13.83 -22.35 17.41
N PHE C 126 -13.82 -22.07 16.10
CA PHE C 126 -13.61 -20.72 15.58
C PHE C 126 -14.88 -19.97 15.11
N ARG C 127 -16.06 -20.51 15.46
CA ARG C 127 -17.34 -20.00 14.97
C ARG C 127 -17.64 -18.53 15.34
N ALA C 128 -17.18 -18.11 16.52
CA ALA C 128 -17.38 -16.71 16.95
C ALA C 128 -16.72 -15.68 16.04
N LEU C 129 -15.73 -16.11 15.24
CA LEU C 129 -15.09 -15.21 14.29
C LEU C 129 -16.02 -14.68 13.22
N GLY C 130 -17.05 -15.45 12.85
CA GLY C 130 -17.92 -15.13 11.72
C GLY C 130 -17.19 -15.13 10.37
N CYS C 131 -16.29 -16.08 10.16
CA CYS C 131 -15.64 -16.27 8.87
C CYS C 131 -15.39 -17.76 8.60
N SER C 132 -16.49 -18.51 8.57
CA SER C 132 -16.47 -19.97 8.38
C SER C 132 -15.81 -20.38 7.08
N GLU C 133 -16.01 -19.56 6.04
CA GLU C 133 -15.42 -19.82 4.74
C GLU C 133 -13.89 -19.75 4.78
N LEU C 134 -13.35 -18.69 5.36
CA LEU C 134 -11.91 -18.58 5.58
C LEU C 134 -11.35 -19.77 6.36
N ILE C 135 -12.00 -20.11 7.47
CA ILE C 135 -11.57 -21.16 8.38
C ILE C 135 -11.57 -22.52 7.69
N SER C 136 -12.68 -22.88 7.05
CA SER C 136 -12.73 -24.16 6.34
C SER C 136 -11.73 -24.21 5.19
N SER C 137 -11.52 -23.08 4.51
CA SER C 137 -10.49 -22.99 3.48
C SER C 137 -9.11 -23.28 4.07
N ILE C 138 -8.79 -22.66 5.20
CA ILE C 138 -7.50 -22.90 5.86
C ILE C 138 -7.35 -24.39 6.25
N PHE C 139 -8.41 -24.95 6.82
CA PHE C 139 -8.44 -26.35 7.22
C PHE C 139 -8.25 -27.28 6.01
N ASP C 140 -8.99 -27.04 4.94
CA ASP C 140 -8.84 -27.82 3.69
C ASP C 140 -7.42 -27.73 3.11
N PHE C 141 -6.83 -26.55 3.16
CA PHE C 141 -5.46 -26.34 2.70
C PHE C 141 -4.50 -27.18 3.53
N SER C 142 -4.64 -27.09 4.86
CA SER C 142 -3.79 -27.83 5.77
C SER C 142 -3.97 -29.33 5.62
N HIS C 143 -5.21 -29.76 5.44
CA HIS C 143 -5.51 -31.17 5.18
C HIS C 143 -4.78 -31.66 3.92
N SER C 144 -4.86 -30.86 2.86
CA SER C 144 -4.21 -31.18 1.58
C SER C 144 -2.70 -31.33 1.74
N LEU C 145 -2.09 -30.44 2.52
CA LEU C 145 -0.64 -30.48 2.72
C LEU C 145 -0.21 -31.65 3.60
N SER C 146 -1.07 -31.99 4.57
CA SER C 146 -0.86 -33.11 5.49
C SER C 146 -0.90 -34.43 4.73
N ALA C 147 -1.80 -34.56 3.76
CA ALA C 147 -1.87 -35.75 2.92
C ALA C 147 -0.57 -36.04 2.10
N LEU C 148 0.29 -35.04 1.91
CA LEU C 148 1.58 -35.21 1.23
C LEU C 148 2.69 -35.72 2.14
N HIS C 149 2.43 -35.76 3.45
CA HIS C 149 3.45 -36.10 4.45
C HIS C 149 4.71 -35.25 4.27
N PHE C 150 4.50 -33.96 4.09
CA PHE C 150 5.56 -32.95 4.00
C PHE C 150 6.63 -33.16 5.07
N SER C 151 7.89 -33.36 4.67
CA SER C 151 8.96 -33.47 5.65
C SER C 151 9.34 -32.07 6.18
N GLU C 152 10.07 -32.02 7.30
CA GLU C 152 10.56 -30.75 7.87
C GLU C 152 11.46 -30.05 6.85
N ASP C 153 12.34 -30.83 6.22
CA ASP C 153 13.25 -30.34 5.20
C ASP C 153 12.51 -29.83 3.96
N GLU C 154 11.46 -30.53 3.54
CA GLU C 154 10.63 -30.08 2.41
C GLU C 154 9.93 -28.77 2.73
N ILE C 155 9.32 -28.68 3.92
CA ILE C 155 8.70 -27.44 4.38
C ILE C 155 9.71 -26.28 4.34
N ALA C 156 10.91 -26.50 4.87
CA ALA C 156 11.97 -25.49 4.86
C ALA C 156 12.21 -24.94 3.45
N LEU C 157 12.36 -25.84 2.48
CA LEU C 157 12.72 -25.45 1.10
C LEU C 157 11.55 -24.83 0.37
N TYR C 158 10.37 -25.41 0.58
CA TYR C 158 9.17 -24.90 -0.03
C TYR C 158 8.83 -23.50 0.49
N THR C 159 9.00 -23.27 1.80
CA THR C 159 8.65 -21.96 2.38
C THR C 159 9.67 -20.90 2.03
N ALA C 160 10.92 -21.32 1.83
CA ALA C 160 11.95 -20.41 1.32
C ALA C 160 11.55 -19.88 -0.07
N LEU C 161 10.95 -20.74 -0.89
CA LEU C 161 10.46 -20.34 -2.20
C LEU C 161 9.18 -19.53 -2.16
N VAL C 162 8.28 -19.86 -1.23
CA VAL C 162 7.10 -19.03 -0.99
C VAL C 162 7.52 -17.57 -0.73
N LEU C 163 8.54 -17.40 0.10
CA LEU C 163 9.07 -16.10 0.42
C LEU C 163 9.82 -15.44 -0.75
N ILE C 164 10.71 -16.20 -1.39
CA ILE C 164 11.56 -15.63 -2.44
C ILE C 164 10.88 -15.80 -3.79
N ASN C 165 9.91 -14.91 -4.04
CA ASN C 165 9.07 -14.93 -5.24
C ASN C 165 9.34 -13.67 -6.09
N ALA C 166 10.00 -13.87 -7.24
CA ALA C 166 10.42 -12.76 -8.11
C ALA C 166 9.28 -12.02 -8.84
N HIS C 167 8.06 -12.56 -8.77
CA HIS C 167 6.87 -11.94 -9.38
C HIS C 167 6.14 -10.91 -8.51
N ARG C 168 6.59 -10.69 -7.27
CA ARG C 168 5.90 -9.74 -6.36
C ARG C 168 5.97 -8.33 -6.93
N PRO C 169 4.81 -7.66 -7.10
CA PRO C 169 4.82 -6.27 -7.55
C PRO C 169 5.59 -5.37 -6.60
N GLY C 170 6.41 -4.49 -7.17
CA GLY C 170 7.10 -3.45 -6.43
C GLY C 170 8.55 -3.75 -6.12
N LEU C 171 9.07 -4.86 -6.65
CA LEU C 171 10.48 -5.21 -6.53
C LEU C 171 11.35 -4.28 -7.36
N GLN C 172 12.43 -3.80 -6.77
CA GLN C 172 13.37 -2.92 -7.46
C GLN C 172 14.54 -3.68 -8.09
N GLU C 173 14.88 -4.83 -7.52
CA GLU C 173 15.96 -5.68 -8.06
C GLU C 173 15.38 -7.04 -8.44
N LYS C 174 14.47 -7.01 -9.41
CA LYS C 174 13.72 -8.18 -9.86
C LYS C 174 14.66 -9.30 -10.32
N ARG C 175 15.66 -8.94 -11.13
CA ARG C 175 16.63 -9.89 -11.65
C ARG C 175 17.43 -10.57 -10.54
N LYS C 176 17.81 -9.81 -9.50
CA LYS C 176 18.47 -10.37 -8.34
C LYS C 176 17.57 -11.37 -7.60
N VAL C 177 16.30 -11.02 -7.43
CA VAL C 177 15.36 -11.94 -6.78
C VAL C 177 15.16 -13.21 -7.64
N GLU C 178 15.14 -13.05 -8.96
CA GLU C 178 15.11 -14.17 -9.93
C GLU C 178 16.27 -15.14 -9.74
N GLN C 179 17.48 -14.62 -9.63
CA GLN C 179 18.68 -15.44 -9.44
C GLN C 179 18.58 -16.26 -8.15
N LEU C 180 18.11 -15.62 -7.08
CA LEU C 180 17.91 -16.25 -5.78
C LEU C 180 16.84 -17.34 -5.81
N GLN C 181 15.70 -17.01 -6.41
CA GLN C 181 14.58 -17.96 -6.58
C GLN C 181 15.00 -19.23 -7.34
N TYR C 182 15.66 -19.04 -8.48
CA TYR C 182 16.20 -20.13 -9.30
C TYR C 182 17.15 -21.03 -8.51
N ASN C 183 18.08 -20.43 -7.76
CA ASN C 183 18.99 -21.20 -6.91
C ASN C 183 18.27 -22.01 -5.84
N LEU C 184 17.25 -21.41 -5.22
CA LEU C 184 16.41 -22.13 -4.28
C LEU C 184 15.55 -23.22 -4.95
N GLU C 185 15.13 -22.97 -6.20
CA GLU C 185 14.37 -23.96 -6.98
C GLU C 185 15.25 -25.21 -7.24
N LEU C 186 16.51 -24.96 -7.62
CA LEU C 186 17.49 -26.01 -7.80
C LEU C 186 17.72 -26.82 -6.53
N ALA C 187 17.84 -26.12 -5.40
CA ALA C 187 17.95 -26.73 -4.08
C ALA C 187 16.75 -27.64 -3.72
N PHE C 188 15.54 -27.10 -3.81
CA PHE C 188 14.29 -27.84 -3.56
C PHE C 188 14.17 -29.09 -4.47
N HIS C 189 14.37 -28.87 -5.77
CA HIS C 189 14.20 -29.95 -6.74
C HIS C 189 15.29 -31.00 -6.61
N HIS C 190 16.54 -30.57 -6.42
CA HIS C 190 17.62 -31.50 -6.11
C HIS C 190 17.33 -32.37 -4.89
N HIS C 191 16.94 -31.75 -3.78
CA HIS C 191 16.58 -32.51 -2.57
C HIS C 191 15.46 -33.53 -2.81
N LEU C 192 14.40 -33.12 -3.49
CA LEU C 192 13.32 -34.04 -3.89
C LEU C 192 13.82 -35.22 -4.73
N CYS C 193 14.75 -34.93 -5.65
CA CYS C 193 15.31 -35.96 -6.51
C CYS C 193 16.15 -36.94 -5.67
N LYS C 194 17.00 -36.41 -4.80
CA LYS C 194 17.84 -37.21 -3.89
C LYS C 194 17.03 -38.15 -2.97
N THR C 195 15.87 -37.66 -2.53
CA THR C 195 15.03 -38.36 -1.57
C THR C 195 13.87 -39.14 -2.20
N HIS C 196 13.87 -39.23 -3.53
CA HIS C 196 12.81 -39.91 -4.31
C HIS C 196 11.42 -39.36 -3.98
N ARG C 197 11.34 -38.04 -3.90
CA ARG C 197 10.10 -37.35 -3.55
C ARG C 197 9.53 -36.43 -4.64
N GLN C 198 10.00 -36.57 -5.88
CA GLN C 198 9.56 -35.65 -6.95
C GLN C 198 8.10 -35.82 -7.35
N SER C 199 7.50 -36.94 -6.96
CA SER C 199 6.06 -37.17 -7.15
C SER C 199 5.18 -36.11 -6.45
N ILE C 200 5.69 -35.44 -5.42
CA ILE C 200 4.93 -34.35 -4.79
C ILE C 200 4.78 -33.08 -5.66
N LEU C 201 5.67 -32.87 -6.63
CA LEU C 201 5.65 -31.65 -7.47
C LEU C 201 4.27 -31.32 -8.06
N ALA C 202 3.66 -32.31 -8.70
CA ALA C 202 2.32 -32.19 -9.27
C ALA C 202 1.21 -32.06 -8.21
N LYS C 203 1.56 -32.27 -6.94
CA LYS C 203 0.57 -32.34 -5.85
C LYS C 203 0.63 -31.12 -4.93
N LEU C 204 1.60 -30.24 -5.15
CA LEU C 204 1.72 -29.00 -4.41
C LEU C 204 0.61 -28.04 -4.86
N PRO C 205 0.23 -27.06 -4.00
CA PRO C 205 -0.88 -26.18 -4.37
C PRO C 205 -0.51 -25.22 -5.50
N PRO C 206 -1.48 -24.94 -6.41
CA PRO C 206 -1.23 -23.89 -7.43
C PRO C 206 -1.02 -22.53 -6.73
N LYS C 207 -0.16 -21.65 -7.26
CA LYS C 207 0.29 -20.45 -6.50
C LYS C 207 -0.86 -19.54 -6.03
N GLY C 208 -1.83 -19.33 -6.92
CA GLY C 208 -3.02 -18.55 -6.62
C GLY C 208 -3.79 -19.01 -5.40
N LYS C 209 -3.61 -20.28 -5.01
CA LYS C 209 -4.25 -20.83 -3.81
C LYS C 209 -3.84 -20.06 -2.53
N LEU C 210 -2.54 -19.87 -2.34
CA LEU C 210 -2.01 -19.15 -1.19
C LEU C 210 -2.46 -17.69 -1.17
N ARG C 211 -2.46 -17.10 -2.38
CA ARG C 211 -2.92 -15.74 -2.59
C ARG C 211 -4.41 -15.63 -2.25
N SER C 212 -5.20 -16.63 -2.67
CA SER C 212 -6.63 -16.72 -2.35
C SER C 212 -6.89 -16.72 -0.83
N LEU C 213 -6.11 -17.51 -0.09
CA LEU C 213 -6.22 -17.55 1.35
C LEU C 213 -5.90 -16.20 2.01
N CYS C 214 -4.81 -15.57 1.56
CA CYS C 214 -4.37 -14.26 2.05
C CYS C 214 -5.33 -13.14 1.70
N SER C 215 -5.87 -13.20 0.47
CA SER C 215 -6.95 -12.30 0.05
C SER C 215 -8.19 -12.41 0.92
N GLN C 216 -8.63 -13.65 1.23
CA GLN C 216 -9.77 -13.92 2.11
C GLN C 216 -9.54 -13.34 3.51
N HIS C 217 -8.34 -13.57 4.03
CA HIS C 217 -7.92 -13.02 5.32
C HIS C 217 -8.13 -11.50 5.35
N VAL C 218 -7.54 -10.79 4.38
CA VAL C 218 -7.63 -9.33 4.29
C VAL C 218 -9.09 -8.86 4.13
N GLU C 219 -9.86 -9.57 3.30
CA GLU C 219 -11.28 -9.24 3.09
C GLU C 219 -12.11 -9.33 4.37
N ARG C 220 -11.96 -10.44 5.09
CA ARG C 220 -12.63 -10.65 6.37
C ARG C 220 -12.21 -9.65 7.45
N LEU C 221 -10.93 -9.31 7.45
CA LEU C 221 -10.43 -8.29 8.36
C LEU C 221 -11.11 -6.93 8.12
N GLN C 222 -11.26 -6.57 6.85
CA GLN C 222 -11.91 -5.31 6.45
C GLN C 222 -13.34 -5.23 6.99
N ILE C 223 -14.07 -6.33 6.90
CA ILE C 223 -15.42 -6.42 7.44
C ILE C 223 -15.36 -6.25 8.95
N PHE C 224 -14.50 -7.03 9.62
CA PHE C 224 -14.39 -6.94 11.07
C PHE C 224 -14.01 -5.54 11.52
N GLN C 225 -13.01 -4.95 10.87
CA GLN C 225 -12.53 -3.60 11.21
C GLN C 225 -13.63 -2.54 11.10
N HIS C 226 -14.46 -2.66 10.07
CA HIS C 226 -15.64 -1.80 9.90
C HIS C 226 -16.63 -1.95 11.09
N LEU C 227 -16.79 -3.18 11.58
CA LEU C 227 -17.65 -3.45 12.74
C LEU C 227 -17.04 -3.02 14.08
N HIS C 228 -15.71 -3.14 14.21
CA HIS C 228 -15.03 -2.84 15.48
C HIS C 228 -13.76 -1.99 15.27
N PRO C 229 -13.92 -0.76 14.73
CA PRO C 229 -12.72 0.03 14.42
C PRO C 229 -11.85 0.34 15.65
N ILE C 230 -12.47 0.59 16.79
CA ILE C 230 -11.75 0.92 18.03
C ILE C 230 -10.94 -0.27 18.54
N VAL C 231 -11.48 -1.49 18.37
CA VAL C 231 -10.83 -2.71 18.81
C VAL C 231 -9.53 -2.89 18.02
N VAL C 232 -9.62 -2.83 16.70
CA VAL C 232 -8.43 -2.89 15.83
C VAL C 232 -7.42 -1.79 16.23
N GLN C 233 -7.88 -0.55 16.34
CA GLN C 233 -7.01 0.55 16.74
C GLN C 233 -6.35 0.31 18.12
N ALA C 234 -7.14 -0.11 19.12
CA ALA C 234 -6.64 -0.20 20.50
C ALA C 234 -6.02 -1.55 20.88
N ALA C 235 -6.40 -2.62 20.20
CA ALA C 235 -6.03 -3.95 20.69
C ALA C 235 -5.45 -4.91 19.66
N PHE C 236 -5.29 -4.47 18.41
CA PHE C 236 -4.58 -5.31 17.43
C PHE C 236 -3.09 -4.97 17.40
N PRO C 237 -2.22 -5.99 17.22
CA PRO C 237 -0.78 -5.72 17.18
C PRO C 237 -0.41 -4.76 16.02
N PRO C 238 0.49 -3.79 16.29
CA PRO C 238 0.93 -2.88 15.23
C PRO C 238 1.47 -3.61 13.99
N LEU C 239 2.23 -4.69 14.17
CA LEU C 239 2.81 -5.41 13.03
C LEU C 239 1.71 -6.03 12.16
N TYR C 240 0.68 -6.58 12.82
CA TYR C 240 -0.49 -7.14 12.15
C TYR C 240 -1.23 -6.09 11.30
N LYS C 241 -1.43 -4.90 11.85
CA LYS C 241 -2.09 -3.81 11.11
C LYS C 241 -1.28 -3.33 9.90
N GLU C 242 0.03 -3.18 10.11
CA GLU C 242 0.98 -2.85 9.06
C GLU C 242 0.87 -3.83 7.87
N LEU C 243 0.79 -5.14 8.15
CA LEU C 243 0.70 -6.16 7.09
C LEU C 243 -0.67 -6.30 6.44
N PHE C 244 -1.74 -6.10 7.21
CA PHE C 244 -3.07 -6.52 6.76
C PHE C 244 -4.12 -5.40 6.66
N SER C 245 -3.77 -4.22 7.20
CA SER C 245 -4.45 -2.90 7.09
C SER C 245 -5.55 -2.69 8.13
N LYS D 1 6.79 1.16 9.35
CA LYS D 1 7.09 1.34 10.81
C LYS D 1 7.90 0.16 11.37
N ILE D 2 7.21 -0.95 11.67
CA ILE D 2 7.77 -2.08 12.46
C ILE D 2 8.68 -3.02 11.67
N LEU D 3 8.28 -3.37 10.45
CA LEU D 3 9.08 -4.23 9.57
C LEU D 3 10.49 -3.66 9.32
N HIS D 4 10.57 -2.33 9.15
CA HIS D 4 11.84 -1.57 9.17
C HIS D 4 12.69 -1.94 10.39
N ARG D 5 12.09 -1.82 11.57
CA ARG D 5 12.77 -2.01 12.85
C ARG D 5 13.21 -3.45 13.08
N LEU D 6 12.34 -4.41 12.72
CA LEU D 6 12.66 -5.85 12.86
C LEU D 6 13.81 -6.30 11.97
N LEU D 7 13.91 -5.72 10.77
CA LEU D 7 14.96 -6.09 9.80
C LEU D 7 16.38 -5.61 10.13
N GLN D 8 16.50 -4.55 10.93
CA GLN D 8 17.80 -4.03 11.35
C GLN D 8 18.03 -4.10 12.86
C1 EDO E . 10.67 2.47 -7.55
O1 EDO E . 10.43 1.61 -6.43
C2 EDO E . 9.99 3.80 -7.29
O2 EDO E . 10.02 4.11 -5.91
N1 HOJ F . -6.72 14.18 -11.48
N3 HOJ F . -5.40 9.21 -10.96
C4 HOJ F . 0.46 9.89 -7.43
C5 HOJ F . -4.49 8.37 -8.94
C6 HOJ F . -2.95 8.97 -10.68
C7 HOJ F . 3.13 9.86 -8.12
C8 HOJ F . -3.43 7.99 -8.14
C10 HOJ F . -7.38 13.00 -9.51
C13 HOJ F . -4.25 8.85 -10.21
C15 HOJ F . 2.33 8.76 -8.37
C17 HOJ F . -7.06 14.16 -10.19
C20 HOJ F . -6.28 13.04 -13.57
C21 HOJ F . -7.09 11.99 -14.33
C22 HOJ F . -6.85 10.52 -12.33
C24 HOJ F . 3.96 7.86 -9.81
C26 HOJ F . 0.14 7.56 -8.29
C1 HOJ F . 1.23 11.01 -7.19
C2 HOJ F . 2.57 10.99 -7.53
C3 HOJ F . -7.32 11.80 -10.20
C9 HOJ F . -1.88 8.59 -9.87
C11 HOJ F . -6.97 11.80 -11.54
C12 HOJ F . 0.99 8.76 -8.01
C14 HOJ F . -2.14 8.10 -8.60
C16 HOJ F . -6.67 13.00 -12.13
C18 HOJ F . -5.44 10.08 -12.03
C19 HOJ F . -6.82 9.51 -14.62
C23 HOJ F . -7.04 9.74 -16.09
C25 HOJ F . -5.87 16.01 -9.53
N2 HOJ F . -6.95 10.64 -13.78
O1 HOJ F . -4.48 10.47 -12.66
O2 HOJ F . -6.54 8.38 -14.26
O3 HOJ F . 2.85 7.60 -8.96
O4 HOJ F . -1.15 7.69 -7.70
O5 HOJ F . -7.13 15.36 -9.49
C1 EDO G . -16.40 -10.83 10.94
O1 EDO G . -17.52 -11.64 10.56
C2 EDO G . -15.54 -10.65 9.70
O2 EDO G . -15.32 -11.93 9.11
N1 HOJ H . 1.63 -21.27 14.47
N3 HOJ H . -3.31 -21.43 15.93
C4 HOJ H . -6.23 -17.98 10.77
C5 HOJ H . -5.12 -21.77 14.44
C6 HOJ H . -4.55 -19.51 14.98
C7 HOJ H . -7.07 -15.37 10.39
C8 HOJ H . -6.14 -21.31 13.63
C10 HOJ H . 0.25 -23.06 13.67
C13 HOJ H . -4.32 -20.87 15.12
C15 HOJ H . -7.61 -16.13 11.41
C17 HOJ H . 1.34 -22.21 13.56
C20 HOJ H . 1.14 -20.08 16.51
C21 HOJ H . 0.86 -20.64 17.91
C22 HOJ H . -1.16 -21.69 16.92
C24 HOJ H . -8.59 -14.21 12.35
C26 HOJ H . -7.79 -18.25 12.72
C1 HOJ H . -5.69 -17.22 9.74
C2 HOJ H . -6.12 -15.93 9.56
C3 HOJ H . -0.57 -22.91 14.77
C9 HOJ H . -5.56 -19.04 14.16
C11 HOJ H . -0.31 -21.93 15.73
C12 HOJ H . -7.20 -17.43 11.61
C14 HOJ H . -6.35 -19.96 13.49
C16 HOJ H . 0.81 -21.14 15.52
C18 HOJ H . -2.23 -20.74 16.43
C19 HOJ H . -1.24 -20.75 19.25
C23 HOJ H . -0.43 -20.20 20.40
C25 HOJ H . 2.14 -21.17 11.67
N2 HOJ H . -0.53 -21.02 18.08
O1 HOJ H . -2.09 -19.53 16.46
O2 HOJ H . -2.44 -20.90 19.42
O3 HOJ H . -8.59 -15.63 12.28
O4 HOJ H . -7.40 -19.62 12.63
O5 HOJ H . 2.20 -22.35 12.47
#